data_9V6C
#
_entry.id   9V6C
#
_cell.length_a   48.558
_cell.length_b   72.100
_cell.length_c   84.769
_cell.angle_alpha   90.000
_cell.angle_beta   90.000
_cell.angle_gamma   90.000
#
_symmetry.space_group_name_H-M   'P 21 21 21'
#
loop_
_entity.id
_entity.type
_entity.pdbx_description
1 polymer 'NADH-cytochrome b5 reductase 3'
2 non-polymer 'FLAVIN-ADENINE DINUCLEOTIDE'
3 non-polymer GLYCEROL
4 water water
#
_entity_poly.entity_id   1
_entity_poly.type   'polypeptide(L)'
_entity_poly.pdbx_seq_one_letter_code
;STPAITLENPDIKYPLRLIDKEVVNHDTRRFRFALPSPQHILGLPVGQHIYLSARIDGNLVIRPYTPVSSDDDKGFVDLV
IKVYFKDTHPKFPAGGKMSQYLESMKIGDTIEFRGPNGLLVYQGKGKFAIRPDKKSSPVIKTVKSVGMIAGGTGITPMLQ
VIRAIMKDPDDHTVCHLLFANQTEKDILLRPELEELRNEHSARFKLWYTVDRAPEAWDYSQGFVNEEMIRDHLPPPEEEP
LVLMCGPPPMIQYACLPNLERVGHPKERCFAF
;
_entity_poly.pdbx_strand_id   A
#
loop_
_chem_comp.id
_chem_comp.type
_chem_comp.name
_chem_comp.formula
FAD non-polymer 'FLAVIN-ADENINE DINUCLEOTIDE' 'C27 H33 N9 O15 P2'
GOL non-polymer GLYCEROL 'C3 H8 O3'
#
# COMPACT_ATOMS: atom_id res chain seq x y z
N SER A 1 -26.60 -13.62 3.59
CA SER A 1 -26.66 -12.15 3.41
C SER A 1 -25.26 -11.55 3.43
N THR A 2 -25.13 -10.35 2.84
CA THR A 2 -23.87 -9.65 3.00
C THR A 2 -24.09 -8.27 3.62
N PRO A 3 -23.11 -7.81 4.37
CA PRO A 3 -23.24 -6.55 5.04
C PRO A 3 -23.42 -5.39 4.08
N ALA A 4 -24.12 -4.36 4.54
CA ALA A 4 -24.20 -3.12 3.78
C ALA A 4 -22.80 -2.54 3.58
N ILE A 5 -22.56 -2.05 2.39
CA ILE A 5 -21.28 -1.40 2.09
C ILE A 5 -21.40 0.09 2.28
N THR A 6 -20.26 0.70 2.63
CA THR A 6 -20.19 2.15 2.81
C THR A 6 -19.96 2.86 1.48
N LEU A 7 -18.96 2.39 0.73
CA LEU A 7 -18.57 3.03 -0.52
C LEU A 7 -19.49 2.57 -1.65
N GLU A 8 -20.70 3.13 -1.66
CA GLU A 8 -21.70 2.68 -2.67
C GLU A 8 -21.41 3.21 -4.07
N ASN A 9 -20.87 4.41 -4.11
CA ASN A 9 -20.68 5.12 -5.37
C ASN A 9 -19.33 5.84 -5.32
N PRO A 10 -18.35 5.55 -6.19
N PRO A 10 -18.44 5.72 -6.29
CA PRO A 10 -17.10 6.27 -5.97
CA PRO A 10 -17.08 6.27 -6.19
C PRO A 10 -17.18 7.71 -6.42
C PRO A 10 -17.01 7.80 -6.29
N ASP A 11 -18.36 8.18 -6.78
N ASP A 11 -18.07 8.48 -6.75
CA ASP A 11 -18.46 9.59 -7.09
CA ASP A 11 -18.00 9.94 -6.83
C ASP A 11 -18.96 10.42 -5.89
C ASP A 11 -18.70 10.58 -5.63
N ILE A 12 -19.21 9.74 -4.74
CA ILE A 12 -19.80 10.33 -3.56
C ILE A 12 -18.71 10.43 -2.50
N LYS A 13 -18.75 11.48 -1.72
CA LYS A 13 -17.89 11.55 -0.56
C LYS A 13 -18.70 11.20 0.67
N TYR A 14 -18.08 10.43 1.50
CA TYR A 14 -18.69 9.91 2.73
C TYR A 14 -17.93 10.49 3.93
N PRO A 15 -18.49 11.46 4.66
CA PRO A 15 -17.80 12.00 5.83
C PRO A 15 -17.90 10.99 6.95
N LEU A 16 -16.78 10.47 7.39
CA LEU A 16 -16.73 9.47 8.44
C LEU A 16 -16.17 10.10 9.72
N ARG A 17 -16.78 9.72 10.83
CA ARG A 17 -16.45 10.25 12.15
C ARG A 17 -15.24 9.54 12.79
N LEU A 18 -14.29 10.34 13.25
CA LEU A 18 -13.14 9.81 13.97
C LEU A 18 -13.54 9.36 15.36
N ILE A 19 -13.28 8.10 15.70
CA ILE A 19 -13.66 7.57 17.00
C ILE A 19 -12.48 7.17 17.87
N ASP A 20 -11.30 6.93 17.33
CA ASP A 20 -10.15 6.59 18.16
CA ASP A 20 -10.15 6.54 18.14
C ASP A 20 -8.86 6.94 17.43
N LYS A 21 -7.88 7.37 18.19
CA LYS A 21 -6.59 7.70 17.65
C LYS A 21 -5.53 7.08 18.58
N GLU A 22 -4.74 6.16 18.01
CA GLU A 22 -3.64 5.54 18.73
C GLU A 22 -2.34 6.22 18.34
N VAL A 23 -1.54 6.55 19.35
CA VAL A 23 -0.18 7.01 19.14
C VAL A 23 0.69 5.75 19.14
N VAL A 24 1.03 5.30 17.93
CA VAL A 24 1.81 4.08 17.78
C VAL A 24 3.27 4.34 18.15
N ASN A 25 3.80 5.46 17.68
CA ASN A 25 5.13 5.96 18.08
C ASN A 25 5.12 7.45 17.82
N HIS A 26 6.24 8.14 17.99
CA HIS A 26 6.23 9.59 17.96
C HIS A 26 5.53 10.17 16.73
N ASP A 27 5.75 9.58 15.57
CA ASP A 27 5.19 10.12 14.35
C ASP A 27 4.29 9.13 13.60
N THR A 28 3.79 8.09 14.28
CA THR A 28 2.89 7.14 13.65
C THR A 28 1.58 7.10 14.40
N ARG A 29 0.48 7.09 13.66
CA ARG A 29 -0.85 7.03 14.26
C ARG A 29 -1.66 5.92 13.64
N ARG A 30 -2.59 5.39 14.41
CA ARG A 30 -3.69 4.64 13.84
CA ARG A 30 -3.70 4.65 13.84
C ARG A 30 -4.98 5.40 14.13
N PHE A 31 -5.72 5.72 13.07
CA PHE A 31 -6.97 6.43 13.20
C PHE A 31 -8.09 5.45 12.87
N ARG A 32 -9.09 5.36 13.75
CA ARG A 32 -10.26 4.54 13.52
C ARG A 32 -11.44 5.47 13.27
N PHE A 33 -12.15 5.23 12.17
CA PHE A 33 -13.35 5.98 11.84
C PHE A 33 -14.53 5.04 11.87
N ALA A 34 -15.69 5.56 12.33
CA ALA A 34 -16.91 4.78 12.29
C ALA A 34 -17.47 4.74 10.87
N LEU A 35 -17.98 3.59 10.48
CA LEU A 35 -18.78 3.47 9.26
C LEU A 35 -20.20 3.92 9.60
N PRO A 36 -21.11 3.96 8.61
CA PRO A 36 -22.44 4.52 8.89
C PRO A 36 -23.21 3.79 9.96
N SER A 37 -22.93 2.49 10.15
CA SER A 37 -23.51 1.77 11.28
C SER A 37 -22.47 0.75 11.71
N PRO A 38 -22.64 0.17 12.91
CA PRO A 38 -21.70 -0.85 13.35
C PRO A 38 -21.74 -2.13 12.51
N GLN A 39 -22.78 -2.30 11.68
CA GLN A 39 -22.90 -3.51 10.89
C GLN A 39 -22.40 -3.34 9.46
N HIS A 40 -22.08 -2.10 9.04
CA HIS A 40 -21.54 -1.88 7.71
C HIS A 40 -20.13 -2.44 7.56
N ILE A 41 -19.74 -2.65 6.30
CA ILE A 41 -18.33 -2.85 5.95
C ILE A 41 -17.94 -1.69 5.03
N LEU A 42 -16.64 -1.53 4.78
CA LEU A 42 -16.24 -0.42 3.93
C LEU A 42 -16.67 -0.65 2.49
N GLY A 43 -16.36 -1.82 1.94
CA GLY A 43 -16.61 -2.09 0.53
C GLY A 43 -15.41 -1.71 -0.33
N LEU A 44 -14.23 -2.16 0.06
CA LEU A 44 -13.02 -1.83 -0.66
C LEU A 44 -12.40 -3.10 -1.20
N PRO A 45 -12.48 -3.34 -2.50
CA PRO A 45 -11.84 -4.54 -3.08
C PRO A 45 -10.33 -4.56 -2.79
N VAL A 46 -9.82 -5.77 -2.60
CA VAL A 46 -8.39 -5.94 -2.42
C VAL A 46 -7.71 -5.46 -3.70
N GLY A 47 -6.69 -4.61 -3.53
CA GLY A 47 -5.98 -3.97 -4.60
C GLY A 47 -6.28 -2.51 -4.74
N GLN A 48 -7.43 -2.07 -4.21
CA GLN A 48 -7.90 -0.71 -4.35
C GLN A 48 -7.65 0.08 -3.05
N HIS A 49 -7.83 1.39 -3.18
CA HIS A 49 -7.63 2.31 -2.08
C HIS A 49 -8.79 3.32 -2.02
N ILE A 50 -8.77 4.13 -0.96
CA ILE A 50 -9.69 5.25 -0.83
C ILE A 50 -8.90 6.57 -0.98
N TYR A 51 -9.63 7.63 -1.15
N TYR A 51 -9.67 7.64 -1.14
CA TYR A 51 -9.05 8.95 -0.99
CA TYR A 51 -9.17 9.01 -1.07
C TYR A 51 -9.70 9.64 0.20
C TYR A 51 -9.69 9.68 0.20
N LEU A 52 -8.83 10.42 0.90
CA LEU A 52 -9.28 11.39 1.85
C LEU A 52 -9.19 12.76 1.18
N SER A 53 -10.17 13.62 1.48
CA SER A 53 -10.15 14.98 0.97
C SER A 53 -10.57 15.92 2.09
N ALA A 54 -9.94 17.10 2.10
CA ALA A 54 -10.29 18.10 3.07
C ALA A 54 -9.80 19.46 2.59
N ARG A 55 -10.41 20.50 3.16
CA ARG A 55 -9.92 21.86 3.02
C ARG A 55 -8.89 22.06 4.13
N ILE A 56 -7.62 22.21 3.75
CA ILE A 56 -6.52 22.30 4.70
C ILE A 56 -5.85 23.66 4.48
N ASP A 57 -6.20 24.49 5.49
N ASP A 57 -5.78 24.49 5.50
CA ASP A 57 -5.77 25.87 5.43
CA ASP A 57 -5.15 25.77 5.31
C ASP A 57 -6.32 26.53 4.18
C ASP A 57 -5.85 26.57 4.21
N GLY A 58 -7.60 26.26 3.90
N GLY A 58 -7.10 26.24 3.93
CA GLY A 58 -8.26 26.95 2.81
CA GLY A 58 -7.87 26.98 2.92
C GLY A 58 -8.06 26.29 1.45
C GLY A 58 -7.82 26.45 1.50
N ASN A 59 -7.13 25.33 1.29
CA ASN A 59 -7.01 24.71 -0.04
C ASN A 59 -7.42 23.25 0.00
N LEU A 60 -7.98 22.79 -1.12
CA LEU A 60 -8.33 21.39 -1.26
C LEU A 60 -7.09 20.53 -1.32
N VAL A 61 -7.09 19.46 -0.52
CA VAL A 61 -6.03 18.46 -0.53
C VAL A 61 -6.70 17.10 -0.58
N ILE A 62 -6.23 16.27 -1.55
CA ILE A 62 -6.74 14.92 -1.73
C ILE A 62 -5.54 13.98 -1.71
N ARG A 63 -5.63 12.88 -0.97
CA ARG A 63 -4.54 11.91 -0.93
C ARG A 63 -5.11 10.50 -0.83
N PRO A 64 -4.41 9.51 -1.42
CA PRO A 64 -4.85 8.13 -1.32
C PRO A 64 -4.33 7.41 -0.08
N TYR A 65 -5.15 6.50 0.44
CA TYR A 65 -4.77 5.66 1.57
C TYR A 65 -5.33 4.25 1.39
N THR A 66 -4.56 3.27 1.80
CA THR A 66 -5.05 1.90 1.88
C THR A 66 -5.23 1.55 3.36
N PRO A 67 -6.47 1.30 3.81
CA PRO A 67 -6.67 0.91 5.21
C PRO A 67 -5.87 -0.32 5.58
N VAL A 68 -5.64 -0.43 6.91
CA VAL A 68 -5.15 -1.67 7.49
C VAL A 68 -6.26 -2.60 7.96
N SER A 69 -7.50 -2.11 7.99
CA SER A 69 -8.66 -2.95 8.13
C SER A 69 -8.98 -3.58 6.77
N SER A 70 -10.02 -4.41 6.75
CA SER A 70 -10.45 -5.08 5.54
C SER A 70 -11.97 -5.13 5.55
N ASP A 71 -12.54 -5.73 4.50
CA ASP A 71 -14.00 -5.90 4.51
C ASP A 71 -14.48 -6.92 5.53
N ASP A 72 -13.53 -7.59 6.22
CA ASP A 72 -13.93 -8.46 7.29
C ASP A 72 -14.28 -7.70 8.55
N ASP A 73 -13.92 -6.43 8.63
CA ASP A 73 -14.18 -5.65 9.83
C ASP A 73 -15.54 -4.97 9.71
N LYS A 74 -16.34 -5.15 10.72
N LYS A 74 -16.43 -5.26 10.68
CA LYS A 74 -17.63 -4.51 10.66
CA LYS A 74 -17.76 -4.65 10.76
C LYS A 74 -17.62 -3.25 11.53
C LYS A 74 -17.71 -3.33 11.54
N GLY A 75 -18.14 -2.19 10.94
CA GLY A 75 -18.41 -1.00 11.68
C GLY A 75 -17.35 0.08 11.71
N PHE A 76 -16.14 -0.20 11.25
CA PHE A 76 -15.08 0.80 11.33
C PHE A 76 -14.10 0.57 10.20
N VAL A 77 -13.28 1.62 9.98
CA VAL A 77 -12.13 1.55 9.08
C VAL A 77 -10.94 2.11 9.84
N ASP A 78 -9.77 1.43 9.73
CA ASP A 78 -8.54 1.88 10.36
C ASP A 78 -7.52 2.30 9.31
N LEU A 79 -6.95 3.49 9.53
CA LEU A 79 -5.83 3.98 8.73
C LEU A 79 -4.61 4.11 9.61
N VAL A 80 -3.48 3.56 9.15
CA VAL A 80 -2.20 3.80 9.78
C VAL A 80 -1.50 4.88 8.96
N ILE A 81 -1.05 5.93 9.65
CA ILE A 81 -0.57 7.15 9.04
C ILE A 81 0.80 7.52 9.61
N LYS A 82 1.75 7.80 8.72
CA LYS A 82 2.98 8.44 9.09
C LYS A 82 2.77 9.96 9.05
N VAL A 83 2.97 10.61 10.19
CA VAL A 83 2.78 12.05 10.25
C VAL A 83 4.11 12.69 9.86
N TYR A 84 4.04 13.55 8.84
CA TYR A 84 5.21 14.29 8.37
C TYR A 84 5.16 15.68 9.00
N PHE A 85 5.84 15.83 10.15
CA PHE A 85 5.83 17.10 10.84
C PHE A 85 6.70 18.10 10.08
N LYS A 86 6.28 19.36 10.14
CA LYS A 86 7.12 20.44 9.66
C LYS A 86 8.44 20.50 10.43
N ASP A 87 9.42 21.10 9.79
CA ASP A 87 10.70 21.36 10.43
C ASP A 87 11.41 20.16 10.93
N THR A 88 11.30 19.06 10.17
CA THR A 88 11.99 17.84 10.56
CA THR A 88 12.00 17.85 10.56
C THR A 88 12.92 17.37 9.44
N HIS A 89 12.49 17.42 8.21
CA HIS A 89 13.33 16.93 7.12
C HIS A 89 13.78 18.16 6.34
N PRO A 90 15.08 18.32 6.08
CA PRO A 90 15.53 19.56 5.43
C PRO A 90 14.98 19.79 4.03
N LYS A 91 14.60 18.74 3.31
CA LYS A 91 14.04 18.94 1.98
C LYS A 91 12.55 19.20 1.99
N PHE A 92 11.90 19.07 3.14
CA PHE A 92 10.44 19.18 3.23
C PHE A 92 10.09 20.01 4.46
N PRO A 93 10.56 21.25 4.53
CA PRO A 93 10.36 22.01 5.77
C PRO A 93 8.91 22.18 6.17
N ALA A 94 7.98 22.26 5.22
CA ALA A 94 6.57 22.42 5.60
C ALA A 94 5.94 21.14 6.12
N GLY A 95 6.63 20.01 6.00
CA GLY A 95 6.01 18.76 6.37
C GLY A 95 4.92 18.38 5.38
N GLY A 96 4.02 17.51 5.80
CA GLY A 96 3.01 16.99 4.92
C GLY A 96 1.63 17.57 5.24
N LYS A 97 0.87 17.88 4.19
CA LYS A 97 -0.41 18.57 4.40
C LYS A 97 -1.47 17.68 5.04
N MET A 98 -1.82 16.57 4.39
CA MET A 98 -2.91 15.74 4.91
C MET A 98 -2.50 15.05 6.20
N SER A 99 -1.25 14.59 6.31
CA SER A 99 -0.87 13.86 7.50
C SER A 99 -0.88 14.76 8.74
N GLN A 100 -0.43 16.03 8.60
CA GLN A 100 -0.55 16.92 9.73
C GLN A 100 -1.99 17.32 10.02
N TYR A 101 -2.82 17.43 8.98
CA TYR A 101 -4.23 17.70 9.21
C TYR A 101 -4.88 16.56 9.99
N LEU A 102 -4.62 15.33 9.58
CA LEU A 102 -5.14 14.18 10.34
C LEU A 102 -4.70 14.27 11.80
N GLU A 103 -3.42 14.56 12.04
CA GLU A 103 -2.92 14.66 13.41
C GLU A 103 -3.63 15.74 14.22
N SER A 104 -4.17 16.76 13.57
CA SER A 104 -4.88 17.83 14.27
C SER A 104 -6.35 17.50 14.53
N MET A 105 -6.89 16.45 13.94
CA MET A 105 -8.31 16.18 14.13
C MET A 105 -8.62 15.83 15.57
N LYS A 106 -9.81 16.25 16.00
CA LYS A 106 -10.30 15.84 17.31
C LYS A 106 -11.26 14.68 17.17
N ILE A 107 -11.34 13.86 18.22
CA ILE A 107 -12.34 12.81 18.23
C ILE A 107 -13.70 13.46 17.96
N GLY A 108 -14.49 12.84 17.06
CA GLY A 108 -15.76 13.38 16.67
C GLY A 108 -15.74 14.20 15.39
N ASP A 109 -14.55 14.68 14.99
CA ASP A 109 -14.48 15.35 13.72
C ASP A 109 -14.66 14.34 12.59
N THR A 110 -15.13 14.83 11.45
CA THR A 110 -15.29 13.98 10.29
C THR A 110 -14.28 14.35 9.21
N ILE A 111 -14.04 13.41 8.32
CA ILE A 111 -13.28 13.66 7.09
C ILE A 111 -13.89 12.85 5.98
N GLU A 112 -13.87 13.41 4.78
N GLU A 112 -13.80 13.35 4.75
CA GLU A 112 -14.44 12.76 3.61
CA GLU A 112 -14.50 12.70 3.66
C GLU A 112 -13.57 11.62 3.08
C GLU A 112 -13.64 11.64 2.98
N PHE A 113 -14.23 10.45 2.93
CA PHE A 113 -13.69 9.29 2.24
C PHE A 113 -14.40 9.12 0.89
N ARG A 114 -13.65 8.66 -0.10
CA ARG A 114 -14.24 8.28 -1.37
C ARG A 114 -13.52 7.05 -1.91
N GLY A 115 -14.24 6.22 -2.64
CA GLY A 115 -13.63 5.05 -3.23
C GLY A 115 -14.70 4.11 -3.71
N PRO A 116 -14.29 2.91 -4.12
CA PRO A 116 -12.91 2.46 -4.24
C PRO A 116 -12.25 3.03 -5.49
N ASN A 117 -10.94 3.03 -5.48
N ASN A 117 -10.91 3.20 -5.44
CA ASN A 117 -10.19 3.48 -6.63
CA ASN A 117 -10.11 3.71 -6.55
C ASN A 117 -8.94 2.65 -6.82
C ASN A 117 -8.88 2.83 -6.80
N GLY A 118 -8.52 2.61 -8.07
CA GLY A 118 -7.30 1.94 -8.43
C GLY A 118 -7.52 0.98 -9.58
N LEU A 119 -6.48 0.83 -10.41
CA LEU A 119 -6.55 0.01 -11.62
C LEU A 119 -6.33 -1.47 -11.40
N LEU A 120 -5.95 -1.89 -10.19
CA LEU A 120 -5.70 -3.29 -9.90
C LEU A 120 -6.66 -3.82 -8.85
N VAL A 121 -7.21 -5.02 -9.11
CA VAL A 121 -8.00 -5.74 -8.13
C VAL A 121 -7.48 -7.17 -8.08
N TYR A 122 -7.29 -7.68 -6.85
CA TYR A 122 -6.91 -9.07 -6.65
C TYR A 122 -8.15 -9.91 -6.55
N GLN A 123 -8.28 -10.86 -7.48
CA GLN A 123 -9.47 -11.71 -7.55
C GLN A 123 -9.29 -13.03 -6.81
N GLY A 124 -8.13 -13.29 -6.23
CA GLY A 124 -7.90 -14.50 -5.49
C GLY A 124 -7.11 -15.53 -6.27
N LYS A 125 -6.43 -16.41 -5.51
CA LYS A 125 -5.74 -17.56 -6.08
C LYS A 125 -4.84 -17.18 -7.26
N GLY A 126 -4.07 -16.09 -7.05
CA GLY A 126 -3.09 -15.68 -8.01
C GLY A 126 -3.59 -14.79 -9.14
N LYS A 127 -4.85 -14.50 -9.15
N LYS A 127 -4.93 -14.57 -9.25
CA LYS A 127 -5.45 -13.85 -10.29
CA LYS A 127 -5.52 -13.77 -10.33
C LYS A 127 -5.69 -12.36 -10.03
C LYS A 127 -5.57 -12.31 -9.96
N PHE A 128 -5.05 -11.49 -10.85
CA PHE A 128 -5.14 -10.06 -10.76
C PHE A 128 -5.85 -9.51 -11.99
N ALA A 129 -6.75 -8.56 -11.77
CA ALA A 129 -7.43 -7.88 -12.85
C ALA A 129 -6.84 -6.48 -12.91
N ILE A 130 -6.16 -6.13 -14.00
CA ILE A 130 -5.45 -4.87 -14.07
C ILE A 130 -5.90 -4.11 -15.29
N ARG A 131 -6.56 -2.94 -15.07
N ARG A 131 -6.40 -2.92 -15.08
CA ARG A 131 -6.95 -2.03 -16.15
CA ARG A 131 -6.85 -2.12 -16.20
C ARG A 131 -5.70 -1.30 -16.65
C ARG A 131 -5.78 -1.13 -16.61
N PRO A 132 -5.55 -1.09 -17.95
N PRO A 132 -5.67 -0.89 -17.92
CA PRO A 132 -4.45 -0.23 -18.39
CA PRO A 132 -4.69 0.08 -18.41
C PRO A 132 -4.68 1.25 -18.10
C PRO A 132 -5.10 1.50 -18.01
N ASP A 133 -5.95 1.64 -17.90
N ASP A 133 -6.40 1.70 -17.88
CA ASP A 133 -6.30 3.01 -17.61
CA ASP A 133 -6.96 2.99 -17.49
C ASP A 133 -7.70 3.04 -17.00
C ASP A 133 -8.37 2.78 -16.96
N LYS A 134 -8.14 4.23 -16.58
N LYS A 134 -8.99 3.85 -16.46
CA LYS A 134 -9.46 4.38 -15.98
CA LYS A 134 -10.34 3.77 -15.91
C LYS A 134 -10.55 4.10 -17.01
C LYS A 134 -11.37 3.28 -16.93
N LYS A 135 -10.27 4.43 -18.26
N LYS A 135 -11.24 3.72 -18.18
CA LYS A 135 -11.22 4.21 -19.34
CA LYS A 135 -12.17 3.33 -19.23
C LYS A 135 -10.79 3.04 -20.22
C LYS A 135 -11.60 2.20 -20.10
N SER A 136 -10.68 1.85 -19.62
N SER A 136 -11.31 1.07 -19.47
CA SER A 136 -10.27 0.66 -20.34
CA SER A 136 -10.77 -0.08 -20.19
C SER A 136 -10.68 -0.60 -19.58
C SER A 136 -10.96 -1.36 -19.39
N SER A 137 -10.79 -1.71 -20.31
N SER A 137 -10.89 -2.50 -20.09
CA SER A 137 -11.17 -2.98 -19.70
CA SER A 137 -11.07 -3.80 -19.44
C SER A 137 -9.97 -3.63 -19.01
C SER A 137 -9.83 -4.22 -18.66
N PRO A 138 -10.20 -4.25 -17.84
N PRO A 138 -10.03 -4.91 -17.51
CA PRO A 138 -9.09 -4.89 -17.14
CA PRO A 138 -8.89 -5.34 -16.71
C PRO A 138 -8.64 -6.20 -17.78
C PRO A 138 -8.24 -6.61 -17.27
N VAL A 139 -7.43 -6.64 -17.47
N VAL A 139 -6.94 -6.56 -17.59
CA VAL A 139 -6.90 -7.88 -18.03
CA VAL A 139 -6.25 -7.73 -18.12
C VAL A 139 -6.79 -8.94 -16.94
C VAL A 139 -5.95 -8.73 -16.99
N ILE A 140 -6.66 -10.19 -17.35
N ILE A 140 -6.67 -9.84 -16.94
CA ILE A 140 -6.54 -11.30 -16.42
CA ILE A 140 -6.46 -10.84 -15.89
C ILE A 140 -5.17 -11.97 -16.52
C ILE A 140 -5.23 -11.70 -16.20
N LYS A 141 -4.23 -11.55 -15.67
N LYS A 141 -4.58 -12.19 -15.14
CA LYS A 141 -2.88 -12.12 -15.70
CA LYS A 141 -3.39 -13.03 -15.28
C LYS A 141 -2.56 -12.83 -14.38
C LYS A 141 -3.13 -13.75 -13.97
N THR A 142 -2.88 -14.11 -14.29
N THR A 142 -3.04 -15.08 -14.02
CA THR A 142 -2.61 -14.90 -13.08
CA THR A 142 -2.80 -15.86 -12.80
C THR A 142 -1.11 -15.07 -12.91
C THR A 142 -1.32 -16.15 -12.61
N VAL A 143 -0.69 -15.42 -11.69
CA VAL A 143 0.70 -15.60 -11.41
C VAL A 143 0.86 -16.54 -10.23
N LYS A 144 2.06 -17.11 -10.10
CA LYS A 144 2.39 -17.98 -8.99
C LYS A 144 3.05 -17.24 -7.85
N SER A 145 3.59 -16.05 -8.11
CA SER A 145 4.30 -15.28 -7.11
C SER A 145 4.18 -13.82 -7.48
N VAL A 146 4.33 -13.00 -6.44
CA VAL A 146 4.22 -11.56 -6.55
C VAL A 146 5.45 -10.96 -5.89
N GLY A 147 6.19 -10.14 -6.62
CA GLY A 147 7.24 -9.34 -6.05
C GLY A 147 6.67 -7.98 -5.66
N MET A 148 7.00 -7.50 -4.49
CA MET A 148 6.45 -6.26 -3.96
C MET A 148 7.60 -5.39 -3.52
N ILE A 149 7.63 -4.16 -4.00
CA ILE A 149 8.64 -3.21 -3.57
C ILE A 149 7.88 -2.01 -2.98
N ALA A 150 8.05 -1.78 -1.69
CA ALA A 150 7.40 -0.65 -1.03
C ALA A 150 8.46 0.25 -0.46
N GLY A 151 8.21 1.56 -0.54
CA GLY A 151 9.01 2.52 0.18
C GLY A 151 8.13 3.35 1.08
N GLY A 152 8.53 3.50 2.35
CA GLY A 152 7.84 4.43 3.22
C GLY A 152 6.35 4.09 3.37
N THR A 153 5.52 5.08 3.03
N THR A 153 5.50 5.04 3.00
CA THR A 153 4.08 4.91 3.18
CA THR A 153 4.06 4.90 3.14
C THR A 153 3.46 4.02 2.08
C THR A 153 3.47 3.86 2.19
N GLY A 154 4.27 3.47 1.18
CA GLY A 154 3.80 2.56 0.17
C GLY A 154 3.59 1.15 0.66
N ILE A 155 3.81 0.90 1.96
CA ILE A 155 3.61 -0.44 2.50
C ILE A 155 2.15 -0.87 2.53
N THR A 156 1.19 0.03 2.78
CA THR A 156 -0.15 -0.47 3.04
C THR A 156 -0.82 -1.11 1.82
N PRO A 157 -0.60 -0.67 0.59
CA PRO A 157 -1.15 -1.47 -0.53
C PRO A 157 -0.59 -2.89 -0.57
N MET A 158 0.68 -3.05 -0.17
CA MET A 158 1.26 -4.40 -0.16
C MET A 158 0.66 -5.22 0.95
N LEU A 159 0.59 -4.65 2.16
CA LEU A 159 0.06 -5.38 3.30
C LEU A 159 -1.35 -5.87 3.04
N GLN A 160 -2.17 -5.04 2.38
CA GLN A 160 -3.55 -5.44 2.11
C GLN A 160 -3.59 -6.70 1.26
N VAL A 161 -2.75 -6.75 0.22
CA VAL A 161 -2.70 -7.93 -0.67
C VAL A 161 -2.11 -9.13 0.06
N ILE A 162 -1.01 -8.92 0.79
CA ILE A 162 -0.38 -10.01 1.53
C ILE A 162 -1.43 -10.65 2.45
N ARG A 163 -2.16 -9.82 3.22
CA ARG A 163 -3.11 -10.40 4.17
CA ARG A 163 -3.11 -10.38 4.17
C ARG A 163 -4.23 -11.14 3.47
N ALA A 164 -4.71 -10.62 2.34
CA ALA A 164 -5.79 -11.30 1.61
C ALA A 164 -5.33 -12.67 1.14
N ILE A 165 -4.09 -12.77 0.68
CA ILE A 165 -3.55 -14.06 0.25
C ILE A 165 -3.39 -14.98 1.44
N MET A 166 -2.75 -14.51 2.52
CA MET A 166 -2.43 -15.41 3.60
C MET A 166 -3.67 -15.98 4.24
N LYS A 167 -4.74 -15.19 4.34
CA LYS A 167 -5.95 -15.68 5.01
C LYS A 167 -6.72 -16.70 4.18
N ASP A 168 -6.37 -16.90 2.92
CA ASP A 168 -6.97 -17.96 2.13
C ASP A 168 -5.99 -19.13 2.16
N PRO A 169 -6.27 -20.19 2.92
CA PRO A 169 -5.29 -21.26 3.04
C PRO A 169 -5.11 -22.03 1.74
N ASP A 170 -6.01 -21.85 0.78
CA ASP A 170 -5.92 -22.51 -0.51
C ASP A 170 -5.36 -21.60 -1.59
N ASP A 171 -4.82 -20.44 -1.20
CA ASP A 171 -4.16 -19.53 -2.14
C ASP A 171 -2.66 -19.81 -2.03
N HIS A 172 -2.09 -20.37 -3.11
CA HIS A 172 -0.69 -20.78 -3.03
C HIS A 172 0.28 -19.71 -3.52
N THR A 173 -0.23 -18.50 -3.78
CA THR A 173 0.62 -17.42 -4.26
C THR A 173 1.66 -17.08 -3.21
N VAL A 174 2.91 -16.93 -3.64
CA VAL A 174 4.00 -16.57 -2.74
C VAL A 174 4.32 -15.09 -2.94
N CYS A 175 4.31 -14.32 -1.85
CA CYS A 175 4.60 -12.90 -1.89
C CYS A 175 6.01 -12.66 -1.38
N HIS A 176 6.79 -11.86 -2.12
CA HIS A 176 8.13 -11.47 -1.72
C HIS A 176 8.18 -9.96 -1.61
N LEU A 177 8.36 -9.46 -0.40
CA LEU A 177 8.36 -8.04 -0.13
C LEU A 177 9.78 -7.55 0.14
N LEU A 178 10.12 -6.46 -0.56
CA LEU A 178 11.35 -5.70 -0.31
C LEU A 178 10.89 -4.29 0.07
N PHE A 179 11.16 -3.93 1.33
CA PHE A 179 10.54 -2.76 1.96
C PHE A 179 11.66 -1.79 2.35
N ALA A 180 11.68 -0.63 1.70
CA ALA A 180 12.69 0.40 1.88
C ALA A 180 12.19 1.54 2.76
N ASN A 181 13.07 2.05 3.61
CA ASN A 181 12.74 3.16 4.49
C ASN A 181 13.96 4.02 4.71
N GLN A 182 13.73 5.22 5.27
CA GLN A 182 14.83 6.14 5.53
C GLN A 182 15.78 5.61 6.57
N THR A 183 15.20 5.06 7.65
CA THR A 183 15.91 4.58 8.81
C THR A 183 15.08 3.44 9.39
N GLU A 184 15.69 2.70 10.31
CA GLU A 184 14.96 1.67 11.04
C GLU A 184 13.77 2.23 11.80
N LYS A 185 13.98 3.39 12.45
N LYS A 185 14.02 3.38 12.47
CA LYS A 185 12.92 3.91 13.31
CA LYS A 185 12.98 4.11 13.18
C LYS A 185 11.72 4.33 12.49
C LYS A 185 11.73 4.32 12.33
N ASP A 186 11.94 4.62 11.19
N ASP A 186 11.91 4.69 11.06
CA ASP A 186 10.85 5.16 10.38
CA ASP A 186 10.83 5.13 10.17
C ASP A 186 9.98 4.07 9.78
C ASP A 186 10.05 3.98 9.55
N ILE A 187 10.32 2.77 9.95
CA ILE A 187 9.59 1.68 9.31
C ILE A 187 8.15 1.66 9.89
N LEU A 188 7.15 1.63 9.02
CA LEU A 188 5.78 1.37 9.42
C LEU A 188 5.49 -0.11 9.47
N LEU A 189 4.63 -0.49 10.44
CA LEU A 189 3.94 -1.79 10.42
C LEU A 189 4.89 -2.97 10.55
N ARG A 190 6.03 -2.74 11.23
CA ARG A 190 7.02 -3.82 11.37
C ARG A 190 6.47 -5.00 12.18
N PRO A 191 5.81 -4.78 13.32
CA PRO A 191 5.30 -5.95 14.06
C PRO A 191 4.30 -6.74 13.21
N GLU A 192 3.45 -6.04 12.48
CA GLU A 192 2.44 -6.69 11.66
C GLU A 192 3.08 -7.53 10.57
N LEU A 193 4.09 -6.98 9.91
CA LEU A 193 4.79 -7.75 8.87
C LEU A 193 5.49 -8.96 9.45
N GLU A 194 6.12 -8.79 10.62
CA GLU A 194 6.86 -9.89 11.20
C GLU A 194 5.95 -10.98 11.74
N GLU A 195 4.73 -10.61 12.16
CA GLU A 195 3.76 -11.63 12.55
C GLU A 195 3.39 -12.48 11.34
N LEU A 196 3.19 -11.84 10.18
CA LEU A 196 2.90 -12.59 8.96
C LEU A 196 4.05 -13.50 8.58
N ARG A 197 5.29 -13.03 8.72
CA ARG A 197 6.43 -13.90 8.45
C ARG A 197 6.46 -15.08 9.45
N ASN A 198 6.13 -14.79 10.68
N ASN A 198 6.15 -14.83 10.73
CA ASN A 198 6.17 -15.86 11.65
CA ASN A 198 6.13 -15.89 11.73
C ASN A 198 5.18 -16.97 11.28
C ASN A 198 5.13 -16.98 11.38
N GLU A 199 3.99 -16.57 10.83
CA GLU A 199 2.92 -17.50 10.60
C GLU A 199 2.91 -18.13 9.22
N HIS A 200 3.52 -17.46 8.23
CA HIS A 200 3.35 -17.82 6.84
C HIS A 200 4.69 -17.75 6.09
N SER A 201 5.79 -18.19 6.68
CA SER A 201 7.07 -17.99 6.02
CA SER A 201 7.10 -18.07 6.05
C SER A 201 7.14 -18.70 4.66
N ALA A 202 6.42 -19.83 4.46
CA ALA A 202 6.50 -20.49 3.15
C ALA A 202 5.87 -19.65 2.05
N ARG A 203 4.84 -18.78 2.36
N ARG A 203 5.06 -18.71 2.50
CA ARG A 203 4.20 -17.94 1.33
CA ARG A 203 4.21 -18.06 1.55
C ARG A 203 4.56 -16.47 1.44
C ARG A 203 4.54 -16.57 1.46
N PHE A 204 5.38 -16.08 2.41
CA PHE A 204 5.63 -14.66 2.59
C PHE A 204 7.11 -14.48 2.94
N LYS A 205 7.81 -13.78 2.04
CA LYS A 205 9.23 -13.50 2.18
C LYS A 205 9.38 -12.00 2.47
N LEU A 206 10.15 -11.68 3.48
CA LEU A 206 10.24 -10.31 3.98
C LEU A 206 11.69 -9.85 4.01
N TRP A 207 11.96 -8.69 3.42
CA TRP A 207 13.29 -8.11 3.52
C TRP A 207 13.17 -6.60 3.60
N TYR A 208 14.09 -5.99 4.37
CA TYR A 208 14.14 -4.56 4.53
C TYR A 208 15.44 -4.01 3.94
N THR A 209 15.36 -2.78 3.44
CA THR A 209 16.54 -1.96 3.27
C THR A 209 16.26 -0.61 3.89
N VAL A 210 17.32 0.03 4.38
CA VAL A 210 17.22 1.36 4.95
C VAL A 210 18.28 2.25 4.31
N ASP A 211 17.92 3.50 4.09
CA ASP A 211 18.90 4.42 3.46
C ASP A 211 20.15 4.52 4.29
N ARG A 212 19.97 4.60 5.61
CA ARG A 212 21.08 4.54 6.55
CA ARG A 212 21.06 4.60 6.58
C ARG A 212 20.71 3.57 7.65
N ALA A 213 21.68 2.73 8.03
CA ALA A 213 21.39 1.61 8.90
C ALA A 213 21.82 1.90 10.34
N PRO A 214 21.17 1.23 11.31
CA PRO A 214 21.59 1.31 12.69
C PRO A 214 22.80 0.47 12.87
N GLU A 215 23.32 0.60 14.08
N GLU A 215 23.48 0.58 14.02
CA GLU A 215 24.55 -0.08 14.45
CA GLU A 215 24.67 -0.23 14.20
C GLU A 215 24.39 -1.59 14.30
C GLU A 215 24.32 -1.71 14.10
N ALA A 216 23.23 -2.09 14.75
CA ALA A 216 22.97 -3.48 14.72
C ALA A 216 21.90 -3.64 13.66
N TRP A 217 22.32 -4.19 12.45
CA TRP A 217 21.37 -4.31 11.39
C TRP A 217 21.56 -5.61 10.64
N ASP A 218 20.45 -6.36 10.53
CA ASP A 218 20.50 -7.68 9.91
C ASP A 218 20.14 -7.70 8.44
N TYR A 219 19.71 -6.57 7.87
CA TYR A 219 19.17 -6.56 6.52
C TYR A 219 20.06 -5.69 5.63
N SER A 220 19.50 -5.02 4.64
CA SER A 220 20.27 -4.29 3.66
C SER A 220 20.33 -2.79 3.97
N GLN A 221 21.33 -2.14 3.39
CA GLN A 221 21.48 -0.70 3.48
C GLN A 221 21.66 -0.15 2.08
N GLY A 222 21.03 0.98 1.84
CA GLY A 222 21.05 1.65 0.56
C GLY A 222 19.69 1.64 -0.09
N PHE A 223 19.63 2.26 -1.26
CA PHE A 223 18.42 2.22 -2.06
C PHE A 223 18.27 0.84 -2.70
N VAL A 224 17.03 0.53 -3.04
CA VAL A 224 16.77 -0.68 -3.81
C VAL A 224 17.69 -0.69 -5.02
N ASN A 225 18.29 -1.85 -5.30
CA ASN A 225 19.22 -1.96 -6.38
C ASN A 225 19.06 -3.35 -7.05
N GLU A 226 19.88 -3.55 -8.09
CA GLU A 226 19.78 -4.79 -8.83
C GLU A 226 19.99 -6.03 -7.96
N GLU A 227 21.00 -5.97 -7.09
N GLU A 227 21.02 -6.03 -7.13
CA GLU A 227 21.25 -7.18 -6.32
CA GLU A 227 21.31 -7.16 -6.24
C GLU A 227 20.09 -7.49 -5.38
C GLU A 227 20.10 -7.49 -5.35
N MET A 228 19.49 -6.45 -4.78
CA MET A 228 18.38 -6.69 -3.88
C MET A 228 17.20 -7.27 -4.60
N ILE A 229 16.98 -6.83 -5.85
CA ILE A 229 15.88 -7.41 -6.62
C ILE A 229 16.15 -8.87 -6.99
N ARG A 230 17.41 -9.21 -7.30
CA ARG A 230 17.74 -10.61 -7.56
C ARG A 230 17.59 -11.44 -6.30
N ASP A 231 17.96 -10.90 -5.15
CA ASP A 231 18.00 -11.70 -3.94
C ASP A 231 16.66 -11.77 -3.21
N HIS A 232 15.75 -10.83 -3.47
CA HIS A 232 14.58 -10.68 -2.61
C HIS A 232 13.25 -10.62 -3.35
N LEU A 233 13.27 -10.73 -4.68
N LEU A 233 13.28 -10.72 -4.66
CA LEU A 233 12.05 -10.87 -5.47
CA LEU A 233 12.05 -10.92 -5.41
C LEU A 233 12.17 -12.16 -6.27
C LEU A 233 12.17 -12.17 -6.28
N PRO A 234 11.03 -12.73 -6.71
CA PRO A 234 11.12 -13.94 -7.54
C PRO A 234 11.88 -13.63 -8.81
N PRO A 235 12.57 -14.61 -9.38
CA PRO A 235 13.30 -14.35 -10.62
C PRO A 235 12.35 -14.16 -11.77
N PRO A 236 12.76 -13.40 -12.78
CA PRO A 236 11.90 -13.15 -13.92
C PRO A 236 11.52 -14.43 -14.66
N GLU A 237 12.35 -15.47 -14.57
CA GLU A 237 12.01 -16.73 -15.22
C GLU A 237 10.65 -17.24 -14.80
N GLU A 238 10.27 -16.96 -13.53
CA GLU A 238 9.02 -17.43 -12.97
C GLU A 238 7.83 -16.51 -13.26
N GLU A 239 8.05 -15.44 -14.05
CA GLU A 239 7.00 -14.55 -14.47
C GLU A 239 6.15 -14.02 -13.30
N PRO A 240 6.78 -13.52 -12.26
CA PRO A 240 5.98 -12.92 -11.18
C PRO A 240 5.34 -11.63 -11.64
N LEU A 241 4.25 -11.26 -10.99
CA LEU A 241 3.73 -9.91 -11.06
C LEU A 241 4.57 -9.07 -10.11
N VAL A 242 5.00 -7.90 -10.55
CA VAL A 242 5.78 -7.00 -9.71
C VAL A 242 4.92 -5.78 -9.40
N LEU A 243 4.72 -5.52 -8.10
CA LEU A 243 3.96 -4.40 -7.60
C LEU A 243 4.91 -3.44 -6.89
N MET A 244 4.65 -2.13 -7.04
CA MET A 244 5.51 -1.14 -6.43
C MET A 244 4.65 -0.03 -5.83
N CYS A 245 5.11 0.55 -4.72
CA CYS A 245 4.51 1.79 -4.22
C CYS A 245 5.55 2.50 -3.37
N GLY A 246 5.92 3.70 -3.76
CA GLY A 246 6.91 4.44 -3.02
C GLY A 246 7.07 5.81 -3.65
N PRO A 247 7.96 6.64 -3.11
CA PRO A 247 8.15 7.98 -3.62
C PRO A 247 8.60 7.95 -5.09
N PRO A 248 8.51 9.08 -5.77
N PRO A 248 7.98 8.83 -5.92
CA PRO A 248 8.86 9.10 -7.20
CA PRO A 248 8.17 8.72 -7.38
C PRO A 248 10.34 8.83 -7.48
C PRO A 248 9.63 8.59 -7.78
N PRO A 249 11.33 9.37 -6.73
N PRO A 249 10.56 9.20 -7.04
CA PRO A 249 12.72 9.05 -7.09
CA PRO A 249 11.98 9.05 -7.42
C PRO A 249 13.05 7.59 -6.82
C PRO A 249 12.55 7.65 -7.10
N MET A 250 12.20 7.02 -5.95
CA MET A 250 12.45 5.61 -5.69
C MET A 250 12.00 4.75 -6.89
N ILE A 251 10.77 4.96 -7.36
CA ILE A 251 10.26 4.16 -8.46
C ILE A 251 11.11 4.40 -9.72
N GLN A 252 11.38 5.68 -10.00
CA GLN A 252 12.02 6.04 -11.26
C GLN A 252 13.49 5.60 -11.29
N TYR A 253 14.23 5.80 -10.20
CA TYR A 253 15.67 5.55 -10.23
C TYR A 253 16.06 4.21 -9.65
N ALA A 254 15.39 3.77 -8.57
CA ALA A 254 15.79 2.56 -7.88
C ALA A 254 15.07 1.33 -8.40
N CYS A 255 13.77 1.45 -8.66
CA CYS A 255 12.99 0.27 -8.97
C CYS A 255 13.01 -0.06 -10.48
N LEU A 256 12.39 0.77 -11.31
CA LEU A 256 12.25 0.36 -12.71
C LEU A 256 13.55 0.05 -13.40
N PRO A 257 14.63 0.81 -13.25
CA PRO A 257 15.84 0.46 -14.00
C PRO A 257 16.39 -0.89 -13.58
N ASN A 258 16.28 -1.19 -12.29
CA ASN A 258 16.85 -2.40 -11.76
C ASN A 258 15.96 -3.61 -12.01
N LEU A 259 14.65 -3.44 -12.00
CA LEU A 259 13.76 -4.50 -12.47
C LEU A 259 14.10 -4.87 -13.90
N GLU A 260 14.44 -3.90 -14.72
N GLU A 260 14.16 -3.83 -14.75
CA GLU A 260 14.85 -4.20 -16.09
CA GLU A 260 14.47 -4.05 -16.15
C GLU A 260 16.19 -4.91 -16.15
C GLU A 260 15.82 -4.76 -16.30
N ARG A 261 17.17 -4.47 -15.37
N ARG A 261 16.85 -4.33 -15.56
CA ARG A 261 18.48 -5.09 -15.44
CA ARG A 261 18.17 -4.95 -15.66
C ARG A 261 18.39 -6.55 -15.10
C ARG A 261 18.14 -6.45 -15.34
N VAL A 262 17.39 -6.87 -14.30
CA VAL A 262 17.26 -8.29 -13.93
C VAL A 262 16.47 -9.03 -15.04
N GLY A 263 15.68 -8.32 -15.83
CA GLY A 263 14.97 -8.93 -16.95
C GLY A 263 13.48 -8.94 -16.81
N HIS A 264 12.92 -8.35 -15.75
CA HIS A 264 11.48 -8.24 -15.66
C HIS A 264 10.98 -7.28 -16.74
N PRO A 265 9.82 -7.54 -17.28
N PRO A 265 9.73 -7.45 -17.27
CA PRO A 265 9.34 -6.61 -18.27
CA PRO A 265 9.14 -6.60 -18.32
C PRO A 265 8.93 -5.31 -17.59
C PRO A 265 8.13 -5.58 -17.79
N LYS A 266 9.66 -4.22 -17.85
N LYS A 266 7.92 -4.47 -18.49
CA LYS A 266 9.35 -2.95 -17.21
CA LYS A 266 7.10 -3.42 -17.89
C LYS A 266 7.90 -2.57 -17.37
C LYS A 266 5.64 -3.86 -17.78
N GLU A 267 7.38 -2.81 -18.58
N GLU A 267 5.24 -4.78 -18.66
CA GLU A 267 6.09 -2.23 -18.88
CA GLU A 267 3.87 -5.29 -18.68
C GLU A 267 4.98 -2.94 -18.12
C GLU A 267 3.56 -6.08 -17.42
N ARG A 268 5.31 -4.09 -17.52
N ARG A 268 4.57 -6.51 -16.66
CA ARG A 268 4.33 -4.86 -16.74
CA ARG A 268 4.22 -7.25 -15.47
C ARG A 268 4.52 -4.63 -15.24
C ARG A 268 4.69 -6.53 -14.24
N CYS A 269 5.50 -3.85 -14.83
N CYS A 269 4.89 -5.21 -14.38
CA CYS A 269 5.68 -3.61 -13.39
CA CYS A 269 5.07 -4.29 -13.28
C CYS A 269 4.64 -2.57 -12.97
C CYS A 269 3.94 -3.28 -13.21
N PHE A 270 3.70 -2.93 -12.02
CA PHE A 270 2.55 -2.10 -11.69
C PHE A 270 2.88 -1.19 -10.51
N ALA A 271 2.61 0.09 -10.66
CA ALA A 271 2.78 1.04 -9.57
C ALA A 271 1.41 1.47 -9.05
N PHE A 272 1.20 1.29 -7.76
CA PHE A 272 -0.03 1.71 -7.11
C PHE A 272 -0.18 3.22 -7.07
PA FAD B . 2.48 16.14 1.21
O1A FAD B . 1.88 15.58 -0.03
O2A FAD B . 2.06 17.50 1.61
O5B FAD B . 4.05 16.08 1.13
C5B FAD B . 4.80 15.66 -0.01
C4B FAD B . 5.87 14.63 0.40
O4B FAD B . 6.82 15.27 1.12
C3B FAD B . 5.42 13.42 1.26
O3B FAD B . 4.82 12.40 0.58
C2B FAD B . 6.81 13.05 1.88
O2B FAD B . 7.43 11.99 1.02
C1B FAD B . 7.56 14.19 1.92
N9A FAD B . 7.73 14.76 3.24
C8A FAD B . 7.08 15.82 3.78
N7A FAD B . 7.51 16.01 5.02
C5A FAD B . 8.44 15.02 5.24
C6A FAD B . 9.16 14.70 6.35
N6A FAD B . 9.18 15.30 7.61
N1A FAD B . 9.98 13.65 6.31
C2A FAD B . 10.10 12.91 5.18
N3A FAD B . 9.39 13.17 4.06
C4A FAD B . 8.56 14.22 4.15
N1 FAD B . 0.25 7.13 3.60
C2 FAD B . 0.05 6.70 4.89
O2 FAD B . 0.55 7.28 5.84
N3 FAD B . -0.71 5.58 5.14
C4 FAD B . -1.34 4.80 4.19
O4 FAD B . -2.06 3.86 4.47
C4X FAD B . -1.05 5.21 2.82
N5 FAD B . -1.58 4.51 1.84
C5X FAD B . -1.29 4.85 0.56
C6 FAD B . -1.85 4.10 -0.49
C7 FAD B . -1.59 4.43 -1.80
C7M FAD B . -2.23 3.63 -2.92
C8 FAD B . -0.75 5.51 -2.09
C8M FAD B . -0.43 5.85 -3.51
C9 FAD B . -0.22 6.28 -1.06
C9A FAD B . -0.49 5.98 0.26
N10 FAD B . -0.01 6.77 1.33
C10 FAD B . -0.27 6.38 2.62
C1' FAD B . 0.68 8.03 1.10
C2' FAD B . -0.34 9.22 1.15
O2' FAD B . -1.09 9.24 -0.06
C3' FAD B . 0.36 10.56 1.28
O3' FAD B . 1.37 10.62 0.31
C4' FAD B . 0.94 10.80 2.67
O4' FAD B . -0.12 10.75 3.62
C5' FAD B . 1.66 12.11 2.75
O5' FAD B . 0.75 13.15 2.33
P FAD B . 0.81 14.58 2.97
O1P FAD B . -0.29 15.37 2.36
O2P FAD B . 0.92 14.50 4.46
O3P FAD B . 2.24 15.16 2.44
H51A FAD B . 5.31 16.55 -0.41
H52A FAD B . 4.10 15.27 -0.74
H4B FAD B . 6.33 14.23 -0.51
H3B FAD B . 4.80 13.80 2.07
DO3A FAD B . 4.25 12.79 -0.15
H2B FAD B . 6.71 12.63 2.87
DO2A FAD B . 7.44 12.33 0.06
H1B FAD B . 8.55 14.00 1.50
H8A FAD B . 6.35 16.42 3.24
D61A FAD B . 9.69 14.87 8.39
D62A FAD B . 8.70 16.21 7.72
H2A FAD B . 10.76 12.05 5.14
DN3 FAD B . -0.89 5.46 6.13
H6 FAD B . -2.44 3.23 -0.23
HM71 FAD B . -2.85 2.86 -2.52
HM72 FAD B . -1.42 3.20 -3.51
HM73 FAD B . -2.87 4.25 -3.57
HM81 FAD B . -1.29 6.03 -4.16
HM82 FAD B . 0.18 5.03 -3.90
HM83 FAD B . 0.17 6.73 -3.56
H9 FAD B . 0.34 7.14 -1.41
H1'1 FAD B . 1.39 8.17 1.88
H1'2 FAD B . 1.21 8.03 0.14
H2' FAD B . -1.00 9.14 2.00
DO2' FAD B . -1.93 8.72 0.06
H3' FAD B . -0.37 11.34 1.07
DO3' FAD B . 1.55 11.51 -0.06
H4' FAD B . 1.68 10.02 2.93
DO4' FAD B . 0.34 10.58 4.47
H5'1 FAD B . 1.90 12.26 3.80
H5'2 FAD B . 2.54 12.12 2.09
C1 GOL C . 13.77 5.18 -0.22
O1 GOL C . 15.07 5.68 -0.38
C2 GOL C . 13.30 5.33 1.23
O2 GOL C . 13.58 6.60 1.78
C3 GOL C . 11.79 5.09 1.28
O3 GOL C . 11.32 5.42 2.56
D11 GOL C . 13.74 4.13 -0.49
D12 GOL C . 13.07 5.72 -0.88
DO1 GOL C . 15.65 5.32 0.33
D2 GOL C . 13.80 4.57 1.83
DO2 GOL C . 14.54 6.67 1.98
D31 GOL C . 11.57 4.06 1.04
D32 GOL C . 11.29 5.72 0.54
DO3 GOL C . 11.09 6.37 2.61
C1 GOL D . -17.87 1.16 16.10
O1 GOL D . -16.93 0.42 15.33
C2 GOL D . -18.45 2.30 15.27
O2 GOL D . -19.32 1.80 14.26
C3 GOL D . -19.19 3.28 16.18
O3 GOL D . -20.33 2.64 16.75
D11 GOL D . -17.37 1.55 16.98
D12 GOL D . -18.68 0.51 16.43
DO1 GOL D . -17.32 -0.45 15.10
D2 GOL D . -17.61 2.84 14.81
DO2 GOL D . -18.80 1.29 13.61
D31 GOL D . -19.52 4.15 15.60
D32 GOL D . -18.53 3.64 16.96
DO3 GOL D . -20.07 2.26 17.62
C1 GOL E . 6.16 19.30 -0.05
O1 GOL E . 6.47 20.63 -0.35
C2 GOL E . 5.55 19.23 1.33
O2 GOL E . 6.52 19.59 2.30
C3 GOL E . 4.36 20.17 1.40
O3 GOL E . 3.32 19.68 0.58
D11 GOL E . 5.47 18.90 -0.78
D12 GOL E . 7.08 18.70 -0.07
DO1 GOL E . 6.04 20.86 -1.21
D2 GOL E . 5.21 18.22 1.52
DO2 GOL E . 6.16 19.46 3.20
D31 GOL E . 4.00 20.28 2.43
D32 GOL E . 4.66 21.17 1.04
DO3 GOL E . 2.85 18.96 1.05
C1 GOL F . 4.23 6.04 -1.34
O1 GOL F . 5.40 6.83 -1.25
C2 GOL F . 3.16 6.69 -2.23
O2 GOL F . 2.89 8.01 -1.79
C3 GOL F . 3.61 6.74 -3.68
O3 GOL F . 2.68 7.47 -4.44
D11 GOL F . 4.48 5.07 -1.75
D12 GOL F . 3.81 5.89 -0.34
DO1 GOL F . 5.92 6.56 -0.47
D2 GOL F . 2.25 6.10 -2.16
DO2 GOL F . 2.46 8.50 -2.52
D31 GOL F . 4.60 7.19 -3.74
D32 GOL F . 3.68 5.73 -4.07
DO3 GOL F . 2.74 7.18 -5.38
#